data_6PEZ
#
_entry.id   6PEZ
#
_entity_poly.entity_id   1
_entity_poly.type   'polypeptide(L)'
_entity_poly.pdbx_seq_one_letter_code
;FIHHIFRGIVHAGRSIGRFLTG(NH2)
;
_entity_poly.pdbx_strand_id   A
#
# COMPACT_ATOMS: atom_id res chain seq x y z
N PHE A 1 9.81 -4.84 12.50
CA PHE A 1 8.36 -4.80 12.87
C PHE A 1 7.79 -3.42 12.53
N ILE A 2 8.38 -2.37 13.09
CA ILE A 2 7.92 -1.00 12.83
C ILE A 2 8.10 -0.63 11.36
N HIS A 3 9.26 -0.97 10.79
CA HIS A 3 9.56 -0.67 9.39
C HIS A 3 8.65 -1.47 8.45
N HIS A 4 8.31 -2.69 8.87
CA HIS A 4 7.44 -3.56 8.07
C HIS A 4 6.03 -2.97 7.95
N ILE A 5 5.55 -2.38 9.05
CA ILE A 5 4.21 -1.77 9.07
C ILE A 5 4.14 -0.59 8.09
N PHE A 6 5.18 0.24 8.08
CA PHE A 6 5.24 1.39 7.17
C PHE A 6 5.25 0.95 5.70
N ARG A 7 6.02 -0.10 5.41
CA ARG A 7 6.10 -0.63 4.04
C ARG A 7 4.76 -1.20 3.57
N GLY A 8 4.05 -1.86 4.50
CA GLY A 8 2.73 -2.44 4.18
C GLY A 8 1.71 -1.37 3.80
N ILE A 9 1.82 -0.21 4.45
CA ILE A 9 0.91 0.91 4.18
C ILE A 9 1.11 1.41 2.74
N VAL A 10 2.38 1.54 2.33
CA VAL A 10 2.70 2.01 0.97
C VAL A 10 2.17 1.03 -0.09
N HIS A 11 2.35 -0.27 0.15
CA HIS A 11 1.88 -1.30 -0.79
C HIS A 11 0.35 -1.28 -0.87
N ALA A 12 -0.31 -1.12 0.28
CA ALA A 12 -1.76 -1.08 0.35
C ALA A 12 -2.29 0.12 -0.45
N GLY A 13 -1.62 1.27 -0.34
CA GLY A 13 -2.03 2.48 -1.06
C GLY A 13 -1.96 2.27 -2.57
N ARG A 14 -0.86 1.67 -3.03
CA ARG A 14 -0.68 1.39 -4.46
C ARG A 14 -1.78 0.45 -4.96
N SER A 15 -2.10 -0.55 -4.15
CA SER A 15 -3.15 -1.53 -4.52
C SER A 15 -4.51 -0.84 -4.67
N ILE A 16 -4.81 0.08 -3.75
CA ILE A 16 -6.08 0.84 -3.79
C ILE A 16 -6.15 1.70 -5.05
N GLY A 17 -5.05 2.37 -5.36
CA GLY A 17 -4.98 3.23 -6.56
C GLY A 17 -5.10 2.41 -7.85
N ARG A 18 -4.56 1.20 -7.83
CA ARG A 18 -4.60 0.31 -9.00
C ARG A 18 -6.05 -0.02 -9.38
N PHE A 19 -6.87 -0.36 -8.37
CA PHE A 19 -8.28 -0.69 -8.61
C PHE A 19 -9.06 0.55 -9.04
N LEU A 20 -8.78 1.69 -8.40
CA LEU A 20 -9.45 2.94 -8.72
C LEU A 20 -9.12 3.37 -10.16
N THR A 21 -7.85 3.19 -10.56
CA THR A 21 -7.41 3.54 -11.90
C THR A 21 -8.09 2.67 -12.97
N GLY A 22 -8.03 1.35 -12.76
CA GLY A 22 -8.64 0.41 -13.71
C GLY A 22 -8.89 -0.95 -13.05
N PHE A 1 9.84 -4.82 12.52
CA PHE A 1 8.39 -4.81 12.91
C PHE A 1 7.78 -3.45 12.57
N ILE A 2 8.37 -2.37 13.11
CA ILE A 2 7.87 -1.01 12.84
C ILE A 2 8.03 -0.64 11.36
N HIS A 3 9.20 -0.97 10.80
CA HIS A 3 9.48 -0.69 9.38
C HIS A 3 8.55 -1.50 8.46
N HIS A 4 8.20 -2.71 8.90
CA HIS A 4 7.32 -3.59 8.12
C HIS A 4 5.91 -3.00 8.04
N ILE A 5 5.45 -2.42 9.16
CA ILE A 5 4.11 -1.81 9.21
C ILE A 5 4.01 -0.62 8.24
N PHE A 6 5.06 0.22 8.22
CA PHE A 6 5.10 1.38 7.33
C PHE A 6 5.20 0.95 5.85
N ARG A 7 5.96 -0.11 5.60
CA ARG A 7 6.14 -0.62 4.23
C ARG A 7 4.83 -1.17 3.67
N GLY A 8 4.08 -1.89 4.53
CA GLY A 8 2.79 -2.48 4.13
C GLY A 8 1.79 -1.40 3.71
N ILE A 9 1.85 -0.25 4.39
CA ILE A 9 0.95 0.88 4.08
C ILE A 9 1.20 1.38 2.66
N VAL A 10 2.49 1.52 2.29
CA VAL A 10 2.84 2.00 0.95
C VAL A 10 2.33 1.05 -0.14
N HIS A 11 2.51 -0.26 0.09
CA HIS A 11 2.05 -1.28 -0.87
C HIS A 11 0.52 -1.28 -0.95
N ALA A 12 -0.14 -1.13 0.21
CA ALA A 12 -1.60 -1.12 0.26
C ALA A 12 -2.17 0.06 -0.54
N GLY A 13 -1.53 1.23 -0.40
CA GLY A 13 -1.97 2.44 -1.13
C GLY A 13 -1.86 2.25 -2.64
N ARG A 14 -0.76 1.62 -3.07
CA ARG A 14 -0.53 1.35 -4.49
C ARG A 14 -1.65 0.46 -5.05
N SER A 15 -2.06 -0.54 -4.26
CA SER A 15 -3.13 -1.45 -4.67
C SER A 15 -4.47 -0.71 -4.82
N ILE A 16 -4.73 0.22 -3.90
CA ILE A 16 -5.98 1.01 -3.93
C ILE A 16 -6.04 1.88 -5.19
N GLY A 17 -4.93 2.54 -5.52
CA GLY A 17 -4.86 3.39 -6.71
C GLY A 17 -5.01 2.58 -8.00
N ARG A 18 -4.49 1.35 -7.98
CA ARG A 18 -4.58 0.47 -9.14
C ARG A 18 -6.03 0.05 -9.39
N PHE A 19 -6.76 -0.26 -8.31
CA PHE A 19 -8.16 -0.67 -8.41
C PHE A 19 -9.04 0.51 -8.87
N LEU A 20 -8.80 1.68 -8.28
CA LEU A 20 -9.57 2.89 -8.63
C LEU A 20 -9.36 3.29 -10.09
N THR A 21 -8.11 3.18 -10.55
CA THR A 21 -7.78 3.51 -11.94
C THR A 21 -8.45 2.53 -12.92
N GLY A 22 -8.28 1.24 -12.65
CA GLY A 22 -8.87 0.20 -13.51
C GLY A 22 -7.97 -0.12 -14.70
N PHE A 1 9.76 -4.79 12.48
CA PHE A 1 8.36 -4.65 12.97
C PHE A 1 7.82 -3.26 12.61
N ILE A 2 8.50 -2.20 13.05
CA ILE A 2 8.06 -0.83 12.75
C ILE A 2 8.16 -0.56 11.23
N HIS A 3 9.28 -0.95 10.64
CA HIS A 3 9.51 -0.76 9.20
C HIS A 3 8.54 -1.59 8.37
N HIS A 4 8.19 -2.77 8.88
CA HIS A 4 7.27 -3.68 8.19
C HIS A 4 5.87 -3.05 8.08
N ILE A 5 5.43 -2.41 9.16
CA ILE A 5 4.11 -1.76 9.21
C ILE A 5 4.02 -0.61 8.20
N PHE A 6 5.08 0.20 8.13
CA PHE A 6 5.11 1.33 7.18
C PHE A 6 5.15 0.84 5.73
N ARG A 7 5.91 -0.23 5.49
CA ARG A 7 6.04 -0.80 4.14
C ARG A 7 4.69 -1.32 3.62
N GLY A 8 3.93 -1.99 4.50
CA GLY A 8 2.62 -2.53 4.12
C GLY A 8 1.63 -1.42 3.75
N ILE A 9 1.74 -0.28 4.44
CA ILE A 9 0.86 0.87 4.17
C ILE A 9 1.10 1.42 2.76
N VAL A 10 2.39 1.55 2.40
CA VAL A 10 2.77 2.06 1.07
C VAL A 10 2.28 1.12 -0.03
N HIS A 11 2.46 -0.19 0.16
CA HIS A 11 2.03 -1.18 -0.84
C HIS A 11 0.49 -1.18 -0.95
N ALA A 12 -0.18 -1.08 0.20
CA ALA A 12 -1.65 -1.07 0.23
C ALA A 12 -2.20 0.11 -0.58
N GLY A 13 -1.55 1.26 -0.47
CA GLY A 13 -1.97 2.46 -1.21
C GLY A 13 -1.88 2.25 -2.72
N ARG A 14 -0.80 1.58 -3.16
CA ARG A 14 -0.61 1.30 -4.59
C ARG A 14 -1.74 0.41 -5.11
N SER A 15 -2.10 -0.60 -4.30
CA SER A 15 -3.18 -1.52 -4.66
C SER A 15 -4.51 -0.79 -4.81
N ILE A 16 -4.79 0.12 -3.88
CA ILE A 16 -6.02 0.91 -3.90
C ILE A 16 -6.07 1.81 -5.15
N GLY A 17 -4.95 2.46 -5.45
CA GLY A 17 -4.85 3.35 -6.61
C GLY A 17 -4.97 2.56 -7.92
N ARG A 18 -4.42 1.35 -7.93
CA ARG A 18 -4.46 0.49 -9.12
C ARG A 18 -5.91 0.04 -9.39
N PHE A 19 -6.63 -0.35 -8.33
CA PHE A 19 -8.02 -0.78 -8.47
C PHE A 19 -8.92 0.39 -8.88
N LEU A 20 -8.72 1.54 -8.23
CA LEU A 20 -9.51 2.74 -8.50
C LEU A 20 -9.31 3.23 -9.94
N THR A 21 -8.06 3.20 -10.41
CA THR A 21 -7.74 3.64 -11.77
C THR A 21 -8.35 2.70 -12.81
N GLY A 22 -8.16 1.40 -12.62
CA GLY A 22 -8.71 0.40 -13.56
C GLY A 22 -7.80 0.21 -14.77
N PHE A 1 9.79 -5.04 12.60
CA PHE A 1 8.37 -4.94 13.05
C PHE A 1 7.82 -3.54 12.75
N ILE A 2 8.49 -2.50 13.27
CA ILE A 2 8.05 -1.12 13.01
C ILE A 2 8.18 -0.75 11.54
N HIS A 3 9.32 -1.12 10.93
CA HIS A 3 9.58 -0.83 9.53
C HIS A 3 8.65 -1.61 8.61
N HIS A 4 8.31 -2.83 9.01
CA HIS A 4 7.42 -3.70 8.24
C HIS A 4 6.04 -3.07 8.09
N ILE A 5 5.55 -2.48 9.18
CA ILE A 5 4.23 -1.83 9.19
C ILE A 5 4.21 -0.63 8.22
N PHE A 6 5.27 0.17 8.23
CA PHE A 6 5.37 1.33 7.33
C PHE A 6 5.39 0.90 5.85
N ARG A 7 6.14 -0.16 5.53
CA ARG A 7 6.23 -0.64 4.15
C ARG A 7 4.88 -1.16 3.65
N GLY A 8 4.14 -1.84 4.52
CA GLY A 8 2.82 -2.39 4.18
C GLY A 8 1.82 -1.28 3.85
N ILE A 9 1.94 -0.15 4.54
CA ILE A 9 1.04 0.99 4.30
C ILE A 9 1.26 1.55 2.89
N VAL A 10 2.53 1.67 2.51
CA VAL A 10 2.89 2.18 1.17
C VAL A 10 2.37 1.25 0.08
N HIS A 11 2.56 -0.06 0.25
CA HIS A 11 2.10 -1.04 -0.73
C HIS A 11 0.57 -1.05 -0.82
N ALA A 12 -0.09 -0.96 0.33
CA ALA A 12 -1.55 -0.96 0.38
C ALA A 12 -2.13 0.22 -0.42
N GLY A 13 -1.47 1.38 -0.32
CA GLY A 13 -1.91 2.57 -1.07
C GLY A 13 -1.83 2.35 -2.58
N ARG A 14 -0.76 1.68 -3.02
CA ARG A 14 -0.59 1.40 -4.45
C ARG A 14 -1.71 0.48 -4.95
N SER A 15 -2.05 -0.52 -4.15
CA SER A 15 -3.12 -1.46 -4.50
C SER A 15 -4.47 -0.75 -4.62
N ILE A 16 -4.75 0.14 -3.67
CA ILE A 16 -6.00 0.91 -3.66
C ILE A 16 -6.09 1.81 -4.89
N GLY A 17 -4.99 2.49 -5.22
CA GLY A 17 -4.94 3.37 -6.38
C GLY A 17 -5.13 2.60 -7.69
N ARG A 18 -4.60 1.38 -7.73
CA ARG A 18 -4.72 0.53 -8.93
C ARG A 18 -6.16 0.09 -9.17
N PHE A 19 -6.88 -0.23 -8.09
CA PHE A 19 -8.28 -0.65 -8.18
C PHE A 19 -9.16 0.46 -8.77
N LEU A 20 -8.83 1.71 -8.42
CA LEU A 20 -9.57 2.87 -8.92
C LEU A 20 -9.43 3.00 -10.44
N THR A 21 -8.25 2.65 -10.97
CA THR A 21 -7.99 2.72 -12.41
C THR A 21 -8.73 1.61 -13.15
N GLY A 22 -8.75 1.70 -14.49
CA GLY A 22 -9.42 0.69 -15.31
C GLY A 22 -8.47 -0.44 -15.69
N PHE A 1 10.16 -4.37 12.41
CA PHE A 1 8.76 -4.28 12.94
C PHE A 1 8.13 -2.95 12.52
N ILE A 2 8.78 -1.84 12.88
CA ILE A 2 8.25 -0.51 12.53
C ILE A 2 8.29 -0.29 11.01
N HIS A 3 9.41 -0.67 10.40
CA HIS A 3 9.57 -0.53 8.94
C HIS A 3 8.60 -1.42 8.18
N HIS A 4 8.32 -2.60 8.74
CA HIS A 4 7.41 -3.57 8.13
C HIS A 4 5.98 -3.02 8.07
N ILE A 5 5.56 -2.37 9.16
CA ILE A 5 4.22 -1.78 9.25
C ILE A 5 4.03 -0.67 8.20
N PHE A 6 5.03 0.20 8.08
CA PHE A 6 4.97 1.30 7.10
C PHE A 6 5.00 0.79 5.66
N ARG A 7 5.80 -0.26 5.42
CA ARG A 7 5.92 -0.85 4.09
C ARG A 7 4.58 -1.43 3.61
N GLY A 8 3.86 -2.09 4.53
CA GLY A 8 2.56 -2.68 4.20
C GLY A 8 1.54 -1.61 3.81
N ILE A 9 1.64 -0.44 4.43
CA ILE A 9 0.74 0.68 4.13
C ILE A 9 0.93 1.16 2.68
N VAL A 10 2.20 1.26 2.27
CA VAL A 10 2.54 1.69 0.91
C VAL A 10 1.96 0.73 -0.14
N HIS A 11 2.11 -0.58 0.11
CA HIS A 11 1.59 -1.59 -0.82
C HIS A 11 0.06 -1.56 -0.84
N ALA A 12 -0.55 -1.37 0.34
CA ALA A 12 -2.00 -1.30 0.45
C ALA A 12 -2.55 -0.09 -0.33
N GLY A 13 -1.90 1.06 -0.16
CA GLY A 13 -2.31 2.29 -0.85
C GLY A 13 -2.11 2.13 -2.37
N ARG A 14 -0.99 1.52 -2.73
CA ARG A 14 -0.66 1.27 -4.14
C ARG A 14 -1.73 0.38 -4.78
N SER A 15 -2.12 -0.66 -4.05
CA SER A 15 -3.15 -1.61 -4.52
C SER A 15 -4.49 -0.90 -4.72
N ILE A 16 -4.84 -0.02 -3.77
CA ILE A 16 -6.09 0.74 -3.85
C ILE A 16 -6.09 1.68 -5.07
N GLY A 17 -4.96 2.36 -5.29
CA GLY A 17 -4.83 3.27 -6.44
C GLY A 17 -4.91 2.51 -7.77
N ARG A 18 -4.38 1.29 -7.77
CA ARG A 18 -4.40 0.45 -8.97
C ARG A 18 -5.84 0.10 -9.39
N PHE A 19 -6.66 -0.27 -8.41
CA PHE A 19 -8.07 -0.60 -8.69
C PHE A 19 -8.85 0.63 -9.12
N LEU A 20 -8.63 1.75 -8.44
CA LEU A 20 -9.30 3.01 -8.76
C LEU A 20 -8.93 3.50 -10.15
N THR A 21 -7.66 3.34 -10.51
CA THR A 21 -7.16 3.78 -11.83
C THR A 21 -7.84 3.00 -12.96
N GLY A 22 -7.92 1.68 -12.80
CA GLY A 22 -8.54 0.82 -13.82
C GLY A 22 -8.24 -0.64 -13.57
N PHE A 1 9.56 -4.95 12.53
CA PHE A 1 8.12 -4.85 12.90
C PHE A 1 7.58 -3.46 12.54
N ILE A 2 8.21 -2.41 13.08
CA ILE A 2 7.79 -1.04 12.80
C ILE A 2 8.01 -0.68 11.32
N HIS A 3 9.17 -1.05 10.80
CA HIS A 3 9.51 -0.77 9.39
C HIS A 3 8.63 -1.58 8.44
N HIS A 4 8.29 -2.81 8.86
CA HIS A 4 7.44 -3.69 8.04
C HIS A 4 6.03 -3.11 7.90
N ILE A 5 5.49 -2.61 9.00
CA ILE A 5 4.15 -2.00 8.99
C ILE A 5 4.13 -0.75 8.11
N PHE A 6 5.18 0.07 8.22
CA PHE A 6 5.27 1.29 7.41
C PHE A 6 5.31 0.97 5.91
N ARG A 7 6.11 -0.04 5.54
CA ARG A 7 6.23 -0.46 4.14
C ARG A 7 4.90 -1.03 3.61
N GLY A 8 4.17 -1.74 4.48
CA GLY A 8 2.87 -2.33 4.12
C GLY A 8 1.85 -1.25 3.78
N ILE A 9 1.94 -0.11 4.47
CA ILE A 9 1.02 1.02 4.24
C ILE A 9 1.20 1.56 2.82
N VAL A 10 2.47 1.71 2.40
CA VAL A 10 2.78 2.20 1.06
C VAL A 10 2.27 1.24 -0.02
N HIS A 11 2.48 -0.06 0.20
CA HIS A 11 2.04 -1.07 -0.76
C HIS A 11 0.51 -1.08 -0.86
N ALA A 12 -0.16 -0.95 0.28
CA ALA A 12 -1.63 -0.94 0.33
C ALA A 12 -2.18 0.23 -0.51
N GLY A 13 -1.51 1.38 -0.44
CA GLY A 13 -1.93 2.56 -1.21
C GLY A 13 -1.85 2.30 -2.72
N ARG A 14 -0.80 1.59 -3.13
CA ARG A 14 -0.61 1.27 -4.55
C ARG A 14 -1.76 0.38 -5.06
N SER A 15 -2.16 -0.60 -4.24
CA SER A 15 -3.25 -1.51 -4.60
C SER A 15 -4.57 -0.75 -4.75
N ILE A 16 -4.83 0.18 -3.84
CA ILE A 16 -6.05 0.99 -3.87
C ILE A 16 -6.11 1.83 -5.14
N GLY A 17 -4.98 2.46 -5.49
CA GLY A 17 -4.90 3.29 -6.70
C GLY A 17 -5.05 2.44 -7.96
N ARG A 18 -4.50 1.22 -7.94
CA ARG A 18 -4.58 0.32 -9.09
C ARG A 18 -6.03 -0.06 -9.40
N PHE A 19 -6.80 -0.41 -8.36
CA PHE A 19 -8.21 -0.78 -8.54
C PHE A 19 -9.03 0.44 -8.96
N LEU A 20 -8.77 1.58 -8.33
CA LEU A 20 -9.49 2.82 -8.64
C LEU A 20 -9.24 3.24 -10.09
N THR A 21 -7.99 3.09 -10.53
CA THR A 21 -7.62 3.44 -11.91
C THR A 21 -8.34 2.54 -12.92
N GLY A 22 -8.30 1.23 -12.68
CA GLY A 22 -8.95 0.27 -13.57
C GLY A 22 -8.23 -1.08 -13.55
N PHE A 1 9.27 -5.02 12.65
CA PHE A 1 7.83 -4.77 12.98
C PHE A 1 7.44 -3.35 12.57
N ILE A 2 8.15 -2.34 13.08
CA ILE A 2 7.84 -0.95 12.73
C ILE A 2 8.11 -0.67 11.26
N HIS A 3 9.25 -1.15 10.76
CA HIS A 3 9.64 -0.98 9.36
C HIS A 3 8.67 -1.72 8.43
N HIS A 4 8.21 -2.89 8.86
CA HIS A 4 7.29 -3.71 8.08
C HIS A 4 5.94 -3.02 7.91
N ILE A 5 5.43 -2.45 9.01
CA ILE A 5 4.14 -1.75 9.00
C ILE A 5 4.16 -0.52 8.08
N PHE A 6 5.25 0.26 8.16
CA PHE A 6 5.39 1.46 7.33
C PHE A 6 5.39 1.11 5.83
N ARG A 7 6.18 0.10 5.47
CA ARG A 7 6.26 -0.35 4.07
C ARG A 7 4.95 -0.97 3.58
N GLY A 8 4.26 -1.70 4.47
CA GLY A 8 2.99 -2.33 4.12
C GLY A 8 1.92 -1.29 3.75
N ILE A 9 1.98 -0.14 4.41
CA ILE A 9 1.02 0.95 4.13
C ILE A 9 1.21 1.48 2.71
N VAL A 10 2.48 1.66 2.31
CA VAL A 10 2.80 2.16 0.96
C VAL A 10 2.29 1.19 -0.12
N HIS A 11 2.54 -0.11 0.09
CA HIS A 11 2.08 -1.13 -0.87
C HIS A 11 0.55 -1.20 -0.93
N ALA A 12 -0.09 -1.09 0.23
CA ALA A 12 -1.55 -1.14 0.31
C ALA A 12 -2.17 0.02 -0.48
N GLY A 13 -1.58 1.22 -0.34
CA GLY A 13 -2.07 2.40 -1.07
C GLY A 13 -1.98 2.20 -2.58
N ARG A 14 -0.90 1.55 -3.01
CA ARG A 14 -0.69 1.27 -4.44
C ARG A 14 -1.81 0.36 -4.97
N SER A 15 -2.17 -0.65 -4.17
CA SER A 15 -3.23 -1.59 -4.56
C SER A 15 -4.58 -0.87 -4.70
N ILE A 16 -4.86 0.06 -3.79
CA ILE A 16 -6.11 0.82 -3.83
C ILE A 16 -6.17 1.70 -5.08
N GLY A 17 -5.06 2.36 -5.38
CA GLY A 17 -4.97 3.23 -6.56
C GLY A 17 -5.07 2.44 -7.85
N ARG A 18 -4.52 1.22 -7.86
CA ARG A 18 -4.56 0.35 -9.05
C ARG A 18 -5.99 -0.04 -9.39
N PHE A 19 -6.77 -0.43 -8.38
CA PHE A 19 -8.17 -0.81 -8.60
C PHE A 19 -9.02 0.41 -8.99
N LEU A 20 -8.77 1.54 -8.33
CA LEU A 20 -9.50 2.78 -8.62
C LEU A 20 -9.23 3.26 -10.05
N THR A 21 -7.96 3.15 -10.47
CA THR A 21 -7.55 3.56 -11.82
C THR A 21 -8.26 2.72 -12.90
N GLY A 22 -8.25 1.41 -12.72
CA GLY A 22 -8.89 0.51 -13.68
C GLY A 22 -8.63 -0.95 -13.33
N PHE A 1 9.62 -4.61 12.57
CA PHE A 1 8.20 -4.41 13.01
C PHE A 1 7.70 -3.04 12.54
N ILE A 2 8.41 -1.96 12.91
CA ILE A 2 8.01 -0.61 12.50
C ILE A 2 8.17 -0.41 11.00
N HIS A 3 9.30 -0.84 10.44
CA HIS A 3 9.56 -0.71 9.01
C HIS A 3 8.61 -1.60 8.19
N HIS A 4 8.30 -2.79 8.72
CA HIS A 4 7.41 -3.73 8.05
C HIS A 4 5.99 -3.16 7.94
N ILE A 5 5.50 -2.58 9.03
CA ILE A 5 4.17 -1.97 9.05
C ILE A 5 4.09 -0.78 8.09
N PHE A 6 5.13 0.07 8.10
CA PHE A 6 5.19 1.23 7.22
C PHE A 6 5.19 0.79 5.74
N ARG A 7 6.00 -0.22 5.44
CA ARG A 7 6.09 -0.75 4.06
C ARG A 7 4.76 -1.32 3.59
N GLY A 8 4.05 -2.03 4.48
CA GLY A 8 2.75 -2.61 4.14
C GLY A 8 1.71 -1.54 3.78
N ILE A 9 1.80 -0.38 4.44
CA ILE A 9 0.88 0.72 4.17
C ILE A 9 1.09 1.24 2.74
N VAL A 10 2.35 1.39 2.34
CA VAL A 10 2.69 1.87 1.00
C VAL A 10 2.15 0.91 -0.08
N HIS A 11 2.32 -0.40 0.14
CA HIS A 11 1.83 -1.41 -0.81
C HIS A 11 0.29 -1.39 -0.86
N ALA A 12 -0.33 -1.27 0.32
CA ALA A 12 -1.79 -1.23 0.41
C ALA A 12 -2.36 0.00 -0.31
N GLY A 13 -1.75 1.17 -0.08
CA GLY A 13 -2.18 2.41 -0.73
C GLY A 13 -2.02 2.33 -2.24
N ARG A 14 -0.88 1.80 -2.69
CA ARG A 14 -0.61 1.66 -4.12
C ARG A 14 -1.65 0.72 -4.75
N SER A 15 -1.94 -0.38 -4.06
CA SER A 15 -2.92 -1.37 -4.53
C SER A 15 -4.32 -0.74 -4.66
N ILE A 16 -4.69 0.07 -3.66
CA ILE A 16 -6.00 0.74 -3.68
C ILE A 16 -6.10 1.72 -4.85
N GLY A 17 -5.02 2.48 -5.08
CA GLY A 17 -4.97 3.44 -6.20
C GLY A 17 -5.04 2.73 -7.55
N ARG A 18 -4.43 1.55 -7.62
CA ARG A 18 -4.42 0.77 -8.86
C ARG A 18 -5.84 0.33 -9.26
N PHE A 19 -6.63 -0.11 -8.28
CA PHE A 19 -8.01 -0.54 -8.55
C PHE A 19 -8.85 0.63 -9.09
N LEU A 20 -8.59 1.83 -8.57
CA LEU A 20 -9.31 3.02 -8.99
C LEU A 20 -9.06 3.32 -10.49
N THR A 21 -7.83 3.07 -10.95
CA THR A 21 -7.48 3.31 -12.36
C THR A 21 -8.28 2.41 -13.30
N GLY A 22 -8.33 1.12 -12.98
CA GLY A 22 -9.07 0.16 -13.81
C GLY A 22 -8.89 -1.26 -13.27
N PHE A 1 10.13 -4.49 12.53
CA PHE A 1 8.73 -4.50 13.06
C PHE A 1 8.04 -3.18 12.68
N ILE A 2 8.64 -2.06 13.08
CA ILE A 2 8.07 -0.74 12.77
C ILE A 2 8.18 -0.42 11.28
N HIS A 3 9.34 -0.72 10.68
CA HIS A 3 9.57 -0.47 9.26
C HIS A 3 8.65 -1.34 8.39
N HIS A 4 8.38 -2.55 8.86
CA HIS A 4 7.50 -3.48 8.14
C HIS A 4 6.07 -2.95 8.05
N ILE A 5 5.62 -2.31 9.14
CA ILE A 5 4.27 -1.74 9.20
C ILE A 5 4.12 -0.62 8.16
N PHE A 6 5.13 0.24 8.04
CA PHE A 6 5.11 1.34 7.07
C PHE A 6 5.14 0.83 5.63
N ARG A 7 5.92 -0.22 5.37
CA ARG A 7 6.02 -0.81 4.03
C ARG A 7 4.67 -1.40 3.58
N GLY A 8 3.96 -2.04 4.50
CA GLY A 8 2.65 -2.64 4.20
C GLY A 8 1.63 -1.57 3.82
N ILE A 9 1.73 -0.40 4.46
CA ILE A 9 0.83 0.72 4.16
C ILE A 9 1.01 1.19 2.71
N VAL A 10 2.28 1.32 2.30
CA VAL A 10 2.61 1.76 0.95
C VAL A 10 2.06 0.77 -0.11
N HIS A 11 2.25 -0.52 0.14
CA HIS A 11 1.75 -1.56 -0.78
C HIS A 11 0.22 -1.54 -0.83
N ALA A 12 -0.42 -1.41 0.33
CA ALA A 12 -1.88 -1.37 0.41
C ALA A 12 -2.44 -0.18 -0.38
N GLY A 13 -1.83 0.99 -0.20
CA GLY A 13 -2.25 2.21 -0.90
C GLY A 13 -2.08 2.06 -2.42
N ARG A 14 -0.98 1.42 -2.81
CA ARG A 14 -0.69 1.18 -4.23
C ARG A 14 -1.81 0.36 -4.87
N SER A 15 -2.27 -0.67 -4.14
CA SER A 15 -3.35 -1.53 -4.62
C SER A 15 -4.65 -0.75 -4.82
N ILE A 16 -4.94 0.15 -3.89
CA ILE A 16 -6.16 0.98 -3.96
C ILE A 16 -6.13 1.88 -5.20
N GLY A 17 -4.98 2.50 -5.45
CA GLY A 17 -4.81 3.37 -6.63
C GLY A 17 -4.91 2.59 -7.93
N ARG A 18 -4.40 1.36 -7.92
CA ARG A 18 -4.44 0.50 -9.11
C ARG A 18 -5.88 0.12 -9.46
N PHE A 19 -6.66 -0.25 -8.44
CA PHE A 19 -8.07 -0.61 -8.65
C PHE A 19 -8.90 0.60 -9.06
N LEU A 20 -8.66 1.74 -8.41
CA LEU A 20 -9.39 2.97 -8.71
C LEU A 20 -9.11 3.45 -10.14
N THR A 21 -7.84 3.34 -10.55
CA THR A 21 -7.43 3.75 -11.91
C THR A 21 -8.10 2.89 -12.97
N GLY A 22 -8.04 1.58 -12.79
CA GLY A 22 -8.66 0.65 -13.75
C GLY A 22 -7.69 -0.49 -14.10
N PHE A 1 9.86 -4.28 12.46
CA PHE A 1 8.48 -4.08 12.98
C PHE A 1 7.92 -2.75 12.47
N ILE A 2 8.62 -1.64 12.75
CA ILE A 2 8.17 -0.31 12.30
C ILE A 2 8.22 -0.21 10.76
N HIS A 3 9.31 -0.70 10.19
CA HIS A 3 9.49 -0.67 8.73
C HIS A 3 8.49 -1.59 8.03
N HIS A 4 8.20 -2.73 8.66
CA HIS A 4 7.26 -3.71 8.10
C HIS A 4 5.85 -3.10 7.99
N ILE A 5 5.43 -2.43 9.07
CA ILE A 5 4.12 -1.78 9.12
C ILE A 5 4.05 -0.64 8.09
N PHE A 6 5.11 0.16 8.02
CA PHE A 6 5.18 1.28 7.08
C PHE A 6 5.11 0.78 5.63
N ARG A 7 5.89 -0.26 5.33
CA ARG A 7 5.92 -0.85 3.99
C ARG A 7 4.57 -1.42 3.58
N GLY A 8 3.88 -2.08 4.52
CA GLY A 8 2.56 -2.66 4.25
C GLY A 8 1.55 -1.57 3.87
N ILE A 9 1.65 -0.41 4.51
CA ILE A 9 0.77 0.72 4.23
C ILE A 9 0.98 1.21 2.78
N VAL A 10 2.25 1.34 2.39
CA VAL A 10 2.60 1.80 1.04
C VAL A 10 2.07 0.82 -0.01
N HIS A 11 2.26 -0.48 0.23
CA HIS A 11 1.80 -1.52 -0.71
C HIS A 11 0.27 -1.52 -0.79
N ALA A 12 -0.38 -1.41 0.38
CA ALA A 12 -1.85 -1.39 0.45
C ALA A 12 -2.41 -0.21 -0.34
N GLY A 13 -1.77 0.97 -0.19
CA GLY A 13 -2.21 2.18 -0.91
C GLY A 13 -2.06 2.00 -2.42
N ARG A 14 -0.96 1.37 -2.81
CA ARG A 14 -0.68 1.13 -4.24
C ARG A 14 -1.78 0.27 -4.86
N SER A 15 -2.18 -0.79 -4.15
CA SER A 15 -3.25 -1.69 -4.63
C SER A 15 -4.58 -0.95 -4.76
N ILE A 16 -4.89 -0.09 -3.78
CA ILE A 16 -6.14 0.68 -3.81
C ILE A 16 -6.16 1.64 -5.00
N GLY A 17 -5.03 2.33 -5.23
CA GLY A 17 -4.90 3.26 -6.36
C GLY A 17 -4.96 2.53 -7.70
N ARG A 18 -4.42 1.32 -7.72
CA ARG A 18 -4.42 0.50 -8.95
C ARG A 18 -5.85 0.13 -9.36
N PHE A 19 -6.66 -0.28 -8.39
CA PHE A 19 -8.05 -0.66 -8.67
C PHE A 19 -8.89 0.57 -9.05
N LEU A 20 -8.69 1.67 -8.33
CA LEU A 20 -9.43 2.92 -8.61
C LEU A 20 -9.07 3.49 -9.99
N THR A 21 -7.79 3.44 -10.34
CA THR A 21 -7.33 3.96 -11.64
C THR A 21 -7.84 3.11 -12.79
N GLY A 22 -7.64 1.80 -12.69
CA GLY A 22 -8.08 0.88 -13.75
C GLY A 22 -7.30 -0.43 -13.70
#